data_6ZMZ
#
_entry.id   6ZMZ
#
_cell.length_a   53.045
_cell.length_b   69.327
_cell.length_c   98.912
_cell.angle_alpha   90.000
_cell.angle_beta   90.000
_cell.angle_gamma   90.000
#
_symmetry.space_group_name_H-M   'P 21 21 21'
#
loop_
_entity.id
_entity.type
_entity.pdbx_description
1 polymer 'Trehalose phosphorylase/synthase'
2 non-polymer "URIDINE-5'-DIPHOSPHATE-GLUCOSE"
3 non-polymer DI(HYDROXYETHYL)ETHER
4 water water
#
_entity_poly.entity_id   1
_entity_poly.type   'polypeptide(L)'
_entity_poly.pdbx_seq_one_letter_code
;MIERYVEFVGEHEIDAIFKYAEKLKDLSILHVNSTAAGGGVAEILHRLVPLMRELGLNAEWKVIRGSQDFFTVTKSFHNA
LQTGKGEIPDEYFKIYDEWQEINAGEIPLDYDVVFIHDPQPAGLVKYRKKGTWIWRCHIDISNPHPKVWGFLRGYISKYD
GMIVSIPEFARDDLDIPQIAIPPSIDPLSPKNMPLPQTTVDRIVDKFGVDRERPIILQVSRYDRAKDPVGVIESFRLAKR
HVPDAQLVYLGSPATDDPEGEVVYRETVEAARGEKDVHLLMLPPNSHVEVNAFQRAATVVMQKSIKEGFGLTVSEALWKR
KPVIGGNTGGIRIQVINGVTGFLVDSPKAAAYYLVYLLKNKKVREEMGEAGRDHVRRNFLITQQLRRYLMAILYLTKRHA
;
_entity_poly.pdbx_strand_id   AAA
#
loop_
_chem_comp.id
_chem_comp.type
_chem_comp.name
_chem_comp.formula
PEG non-polymer DI(HYDROXYETHYL)ETHER 'C4 H10 O3'
UPG non-polymer URIDINE-5'-DIPHOSPHATE-GLUCOSE 'C15 H24 N2 O17 P2'
#
# COMPACT_ATOMS: atom_id res chain seq x y z
N MET A 1 4.44 -23.57 6.69
CA MET A 1 4.40 -22.21 6.09
C MET A 1 5.13 -21.21 7.01
N ILE A 2 4.70 -21.11 8.27
CA ILE A 2 5.20 -20.10 9.25
C ILE A 2 6.68 -20.38 9.53
N GLU A 3 7.03 -21.66 9.68
CA GLU A 3 8.40 -22.14 10.03
C GLU A 3 9.44 -21.50 9.08
N ARG A 4 9.04 -21.20 7.84
CA ARG A 4 9.91 -20.64 6.78
C ARG A 4 10.42 -19.24 7.11
N TYR A 5 9.78 -18.51 8.02
CA TYR A 5 10.12 -17.09 8.31
C TYR A 5 11.22 -17.01 9.37
N VAL A 6 11.51 -18.12 10.07
CA VAL A 6 12.56 -18.18 11.14
C VAL A 6 13.85 -17.55 10.63
N GLU A 7 14.26 -17.92 9.41
CA GLU A 7 15.43 -17.36 8.69
C GLU A 7 15.51 -15.83 8.94
N PHE A 8 14.42 -15.10 8.72
CA PHE A 8 14.41 -13.61 8.63
C PHE A 8 14.32 -12.97 10.03
N VAL A 9 13.51 -13.56 10.92
CA VAL A 9 13.02 -12.87 12.16
C VAL A 9 13.46 -13.59 13.43
N GLY A 10 13.92 -14.85 13.33
CA GLY A 10 14.38 -15.63 14.51
C GLY A 10 13.24 -16.35 15.23
N GLU A 11 13.61 -17.27 16.12
CA GLU A 11 12.68 -18.23 16.79
C GLU A 11 11.73 -17.50 17.73
N HIS A 12 12.17 -16.41 18.36
CA HIS A 12 11.43 -15.74 19.47
C HIS A 12 10.12 -15.15 18.94
N GLU A 13 10.12 -14.53 17.74
CA GLU A 13 8.90 -13.94 17.12
C GLU A 13 7.93 -15.06 16.67
N ILE A 14 8.47 -16.15 16.11
CA ILE A 14 7.65 -17.31 15.66
C ILE A 14 6.97 -17.95 16.88
N ASP A 15 7.69 -18.13 17.99
CA ASP A 15 7.11 -18.64 19.26
C ASP A 15 5.94 -17.75 19.70
N ALA A 16 6.14 -16.43 19.66
CA ALA A 16 5.13 -15.41 20.04
C ALA A 16 3.85 -15.58 19.20
N ILE A 17 4.00 -15.80 17.88
CA ILE A 17 2.87 -15.94 16.92
C ILE A 17 2.06 -17.18 17.30
N PHE A 18 2.74 -18.29 17.59
CA PHE A 18 2.10 -19.59 17.92
C PHE A 18 1.29 -19.48 19.21
N LYS A 19 1.83 -18.81 20.23
CA LYS A 19 1.15 -18.74 21.55
C LYS A 19 -0.08 -17.82 21.44
N TYR A 20 0.00 -16.74 20.68
CA TYR A 20 -1.16 -15.84 20.42
C TYR A 20 -2.23 -16.61 19.67
N ALA A 21 -1.83 -17.34 18.62
CA ALA A 21 -2.74 -18.06 17.70
C ALA A 21 -3.51 -19.12 18.50
N GLU A 22 -2.81 -19.82 19.41
CA GLU A 22 -3.36 -20.88 20.28
C GLU A 22 -4.56 -20.32 21.06
N LYS A 23 -4.45 -19.11 21.58
CA LYS A 23 -5.53 -18.42 22.36
C LYS A 23 -6.73 -18.07 21.47
N LEU A 24 -6.56 -18.02 20.14
CA LEU A 24 -7.60 -17.50 19.20
C LEU A 24 -8.20 -18.60 18.32
N LYS A 25 -7.80 -19.87 18.51
CA LYS A 25 -8.14 -21.00 17.59
C LYS A 25 -9.66 -21.10 17.41
N ASP A 26 -10.44 -20.72 18.41
CA ASP A 26 -11.92 -20.92 18.43
C ASP A 26 -12.66 -19.74 17.79
N LEU A 27 -11.97 -18.66 17.38
CA LEU A 27 -12.62 -17.43 16.87
C LEU A 27 -12.78 -17.48 15.35
N SER A 28 -13.95 -17.08 14.86
CA SER A 28 -14.21 -16.81 13.43
C SER A 28 -13.84 -15.34 13.13
N ILE A 29 -13.06 -15.11 12.08
CA ILE A 29 -12.55 -13.76 11.71
C ILE A 29 -12.94 -13.49 10.25
N LEU A 30 -13.67 -12.41 9.99
CA LEU A 30 -13.96 -11.97 8.60
C LEU A 30 -13.16 -10.71 8.30
N HIS A 31 -12.49 -10.68 7.15
CA HIS A 31 -11.94 -9.45 6.50
C HIS A 31 -12.85 -9.05 5.33
N VAL A 32 -13.22 -7.78 5.25
CA VAL A 32 -14.02 -7.24 4.11
C VAL A 32 -13.25 -6.08 3.47
N ASN A 33 -13.09 -6.13 2.14
CA ASN A 33 -12.56 -4.98 1.39
C ASN A 33 -13.31 -4.85 0.05
N SER A 34 -12.84 -3.97 -0.82
CA SER A 34 -13.57 -3.55 -2.04
C SER A 34 -12.86 -4.05 -3.32
N THR A 35 -11.69 -4.67 -3.23
CA THR A 35 -10.95 -5.10 -4.44
C THR A 35 -10.29 -6.46 -4.22
N ALA A 36 -10.50 -7.36 -5.18
CA ALA A 36 -9.97 -8.75 -5.19
C ALA A 36 -8.55 -8.75 -5.75
N ALA A 37 -8.24 -7.84 -6.67
CA ALA A 37 -6.95 -7.73 -7.36
C ALA A 37 -6.54 -6.26 -7.45
N GLY A 38 -5.27 -5.99 -7.21
CA GLY A 38 -4.71 -4.63 -7.34
C GLY A 38 -4.81 -3.87 -6.05
N GLY A 39 -3.83 -3.00 -5.82
CA GLY A 39 -3.77 -2.14 -4.63
C GLY A 39 -3.16 -2.86 -3.45
N GLY A 40 -2.80 -2.10 -2.43
CA GLY A 40 -2.05 -2.60 -1.26
C GLY A 40 -2.91 -3.46 -0.35
N VAL A 41 -4.22 -3.20 -0.28
CA VAL A 41 -5.10 -3.92 0.69
C VAL A 41 -5.21 -5.38 0.23
N ALA A 42 -5.52 -5.58 -1.07
CA ALA A 42 -5.57 -6.92 -1.69
C ALA A 42 -4.19 -7.58 -1.53
N GLU A 43 -3.11 -6.82 -1.72
CA GLU A 43 -1.72 -7.35 -1.57
C GLU A 43 -1.57 -7.92 -0.16
N ILE A 44 -1.98 -7.19 0.87
CA ILE A 44 -1.86 -7.67 2.26
C ILE A 44 -2.70 -8.95 2.45
N LEU A 45 -3.99 -8.87 2.15
CA LEU A 45 -4.98 -9.91 2.53
C LEU A 45 -4.67 -11.23 1.80
N HIS A 46 -4.19 -11.18 0.56
CA HIS A 46 -3.81 -12.39 -0.24
C HIS A 46 -2.73 -13.21 0.49
N ARG A 47 -1.86 -12.56 1.26
CA ARG A 47 -0.80 -13.26 2.05
C ARG A 47 -1.24 -13.42 3.50
N LEU A 48 -1.87 -12.41 4.12
CA LEU A 48 -2.15 -12.43 5.57
C LEU A 48 -3.20 -13.49 5.91
N VAL A 49 -4.29 -13.58 5.15
CA VAL A 49 -5.44 -14.47 5.50
C VAL A 49 -5.04 -15.94 5.40
N PRO A 50 -4.37 -16.40 4.31
CA PRO A 50 -3.81 -17.76 4.30
C PRO A 50 -2.88 -18.07 5.48
N LEU A 51 -2.09 -17.10 5.96
CA LEU A 51 -1.21 -17.31 7.13
C LEU A 51 -2.04 -17.47 8.41
N MET A 52 -3.11 -16.69 8.55
CA MET A 52 -4.06 -16.84 9.68
C MET A 52 -4.62 -18.28 9.68
N ARG A 53 -5.02 -18.79 8.52
CA ARG A 53 -5.56 -20.16 8.38
C ARG A 53 -4.50 -21.20 8.76
N GLU A 54 -3.28 -21.07 8.23
CA GLU A 54 -2.13 -21.94 8.59
C GLU A 54 -2.03 -22.10 10.10
N LEU A 55 -2.25 -21.01 10.85
CA LEU A 55 -2.15 -21.00 12.33
C LEU A 55 -3.40 -21.58 12.98
N GLY A 56 -4.39 -22.01 12.19
CA GLY A 56 -5.62 -22.67 12.66
C GLY A 56 -6.73 -21.69 13.00
N LEU A 57 -6.68 -20.46 12.49
CA LEU A 57 -7.79 -19.48 12.69
C LEU A 57 -8.84 -19.73 11.58
N ASN A 58 -10.11 -19.49 11.88
CA ASN A 58 -11.24 -19.61 10.92
C ASN A 58 -11.42 -18.24 10.28
N ALA A 59 -10.45 -17.86 9.45
CA ALA A 59 -10.32 -16.55 8.78
C ALA A 59 -10.92 -16.65 7.38
N GLU A 60 -11.80 -15.70 7.05
CA GLU A 60 -12.39 -15.57 5.70
C GLU A 60 -12.12 -14.16 5.19
N TRP A 61 -12.10 -14.00 3.88
CA TRP A 61 -11.95 -12.69 3.21
C TRP A 61 -13.09 -12.53 2.20
N LYS A 62 -13.94 -11.52 2.39
CA LYS A 62 -15.06 -11.17 1.47
C LYS A 62 -14.76 -9.83 0.77
N VAL A 63 -15.02 -9.78 -0.54
CA VAL A 63 -14.90 -8.54 -1.35
C VAL A 63 -16.32 -8.05 -1.66
N ILE A 64 -16.63 -6.80 -1.31
CA ILE A 64 -17.94 -6.17 -1.65
C ILE A 64 -18.03 -5.98 -3.16
N ARG A 65 -19.26 -5.93 -3.68
CA ARG A 65 -19.49 -5.56 -5.10
C ARG A 65 -20.07 -4.14 -5.12
N GLY A 66 -19.99 -3.48 -6.26
CA GLY A 66 -20.58 -2.16 -6.48
C GLY A 66 -20.64 -1.83 -7.96
N SER A 67 -21.41 -0.82 -8.32
CA SER A 67 -21.48 -0.26 -9.70
C SER A 67 -20.29 0.67 -9.93
N GLN A 68 -20.10 1.14 -11.16
CA GLN A 68 -19.09 2.20 -11.45
C GLN A 68 -19.46 3.45 -10.63
N ASP A 69 -20.75 3.75 -10.49
CA ASP A 69 -21.23 4.91 -9.70
C ASP A 69 -20.74 4.79 -8.26
N PHE A 70 -20.78 3.59 -7.70
CA PHE A 70 -20.37 3.35 -6.28
C PHE A 70 -18.86 3.62 -6.16
N PHE A 71 -18.07 3.07 -7.07
CA PHE A 71 -16.60 3.16 -7.00
C PHE A 71 -16.16 4.59 -7.34
N THR A 72 -16.92 5.31 -8.17
CA THR A 72 -16.71 6.77 -8.39
C THR A 72 -16.88 7.51 -7.06
N VAL A 73 -17.92 7.18 -6.30
CA VAL A 73 -18.19 7.83 -4.98
C VAL A 73 -17.05 7.45 -4.02
N THR A 74 -16.66 6.18 -3.97
CA THR A 74 -15.68 5.72 -2.95
C THR A 74 -14.32 6.37 -3.24
N LYS A 75 -13.95 6.52 -4.51
CA LYS A 75 -12.68 7.17 -4.91
C LYS A 75 -12.70 8.66 -4.56
N SER A 76 -13.85 9.33 -4.74
CA SER A 76 -14.02 10.75 -4.36
C SER A 76 -13.87 10.88 -2.84
N PHE A 77 -14.43 9.93 -2.07
CA PHE A 77 -14.26 9.90 -0.59
C PHE A 77 -12.77 9.75 -0.26
N HIS A 78 -12.11 8.81 -0.94
CA HIS A 78 -10.67 8.49 -0.76
C HIS A 78 -9.83 9.77 -0.91
N ASN A 79 -10.00 10.46 -2.05
CA ASN A 79 -9.28 11.71 -2.40
C ASN A 79 -9.61 12.81 -1.38
N ALA A 80 -10.89 12.93 -1.00
CA ALA A 80 -11.38 13.96 -0.07
C ALA A 80 -10.74 13.77 1.31
N LEU A 81 -10.70 12.52 1.80
CA LEU A 81 -10.15 12.20 3.15
C LEU A 81 -8.65 12.50 3.19
N GLN A 82 -7.92 12.19 2.11
CA GLN A 82 -6.43 12.31 2.08
C GLN A 82 -6.01 13.77 1.81
N THR A 83 -6.73 14.49 0.94
CA THR A 83 -6.31 15.84 0.43
C THR A 83 -7.12 16.97 1.07
N GLY A 84 -8.34 16.70 1.58
CA GLY A 84 -9.22 17.74 2.14
C GLY A 84 -9.87 18.59 1.06
N LYS A 85 -9.77 18.18 -0.20
CA LYS A 85 -10.21 18.94 -1.40
C LYS A 85 -11.52 18.37 -1.95
N GLY A 86 -12.26 19.21 -2.67
CA GLY A 86 -13.36 18.77 -3.55
C GLY A 86 -14.73 19.15 -3.03
N GLU A 87 -15.72 19.06 -3.91
CA GLU A 87 -17.17 19.20 -3.61
C GLU A 87 -17.74 17.79 -3.51
N ILE A 88 -18.46 17.49 -2.44
CA ILE A 88 -19.10 16.17 -2.22
C ILE A 88 -20.59 16.41 -2.10
N PRO A 89 -21.39 16.15 -3.16
CA PRO A 89 -22.83 16.36 -3.09
C PRO A 89 -23.51 15.26 -2.25
N ASP A 90 -24.70 15.57 -1.74
CA ASP A 90 -25.49 14.66 -0.86
C ASP A 90 -25.85 13.37 -1.62
N GLU A 91 -25.98 13.43 -2.94
CA GLU A 91 -26.25 12.24 -3.82
C GLU A 91 -25.22 11.12 -3.55
N TYR A 92 -23.95 11.47 -3.36
CA TYR A 92 -22.84 10.51 -3.10
C TYR A 92 -23.18 9.64 -1.87
N PHE A 93 -23.61 10.27 -0.79
CA PHE A 93 -24.00 9.59 0.49
C PHE A 93 -25.14 8.60 0.26
N LYS A 94 -26.14 8.96 -0.56
CA LYS A 94 -27.28 8.04 -0.85
C LYS A 94 -26.76 6.82 -1.60
N ILE A 95 -25.95 7.02 -2.63
CA ILE A 95 -25.32 5.93 -3.43
C ILE A 95 -24.50 5.05 -2.47
N TYR A 96 -23.69 5.67 -1.60
CA TYR A 96 -22.81 4.94 -0.64
C TYR A 96 -23.68 4.02 0.24
N ASP A 97 -24.69 4.60 0.89
CA ASP A 97 -25.59 3.88 1.85
C ASP A 97 -26.31 2.73 1.15
N GLU A 98 -26.80 2.90 -0.09
CA GLU A 98 -27.54 1.84 -0.82
C GLU A 98 -26.67 0.62 -0.99
N TRP A 99 -25.39 0.83 -1.31
CA TRP A 99 -24.45 -0.29 -1.59
C TRP A 99 -24.02 -0.97 -0.29
N GLN A 100 -24.03 -0.28 0.85
CA GLN A 100 -23.83 -0.94 2.17
C GLN A 100 -24.99 -1.93 2.39
N GLU A 101 -26.23 -1.46 2.17
CA GLU A 101 -27.46 -2.26 2.34
C GLU A 101 -27.42 -3.49 1.42
N ILE A 102 -27.14 -3.28 0.13
CA ILE A 102 -27.05 -4.39 -0.88
C ILE A 102 -26.02 -5.42 -0.41
N ASN A 103 -24.81 -4.99 -0.02
CA ASN A 103 -23.70 -5.90 0.36
C ASN A 103 -24.07 -6.61 1.67
N ALA A 104 -24.66 -5.90 2.63
CA ALA A 104 -25.07 -6.46 3.95
C ALA A 104 -26.00 -7.65 3.73
N GLY A 105 -26.94 -7.54 2.80
CA GLY A 105 -27.87 -8.63 2.42
C GLY A 105 -27.18 -9.89 1.91
N GLU A 106 -25.92 -9.79 1.44
CA GLU A 106 -25.17 -10.88 0.76
C GLU A 106 -23.93 -11.32 1.55
N ILE A 107 -23.70 -10.78 2.74
CA ILE A 107 -22.53 -11.12 3.59
C ILE A 107 -23.06 -11.58 4.94
N PRO A 108 -22.59 -12.74 5.45
CA PRO A 108 -22.97 -13.19 6.79
C PRO A 108 -22.02 -12.51 7.79
N LEU A 109 -22.55 -11.61 8.62
CA LEU A 109 -21.70 -10.69 9.42
C LEU A 109 -21.52 -11.19 10.86
N ASP A 110 -22.08 -12.35 11.22
CA ASP A 110 -22.11 -12.83 12.62
C ASP A 110 -20.81 -13.58 12.94
N TYR A 111 -19.67 -13.01 12.57
CA TYR A 111 -18.32 -13.52 12.91
C TYR A 111 -17.95 -13.00 14.29
N ASP A 112 -17.06 -13.70 14.98
CA ASP A 112 -16.52 -13.27 16.30
C ASP A 112 -15.78 -11.94 16.12
N VAL A 113 -15.00 -11.83 15.05
CA VAL A 113 -14.24 -10.59 14.70
C VAL A 113 -14.49 -10.23 13.24
N VAL A 114 -14.86 -8.96 13.00
CA VAL A 114 -15.02 -8.38 11.64
C VAL A 114 -13.99 -7.26 11.50
N PHE A 115 -13.07 -7.42 10.54
CA PHE A 115 -12.17 -6.35 10.05
C PHE A 115 -12.76 -5.76 8.76
N ILE A 116 -13.11 -4.48 8.81
CA ILE A 116 -13.55 -3.69 7.62
C ILE A 116 -12.36 -2.83 7.19
N HIS A 117 -11.89 -3.03 5.96
CA HIS A 117 -10.72 -2.36 5.36
C HIS A 117 -11.17 -1.16 4.54
N ASP A 118 -10.76 0.04 4.99
CA ASP A 118 -10.84 1.32 4.25
C ASP A 118 -12.30 1.78 4.19
N PRO A 119 -12.56 2.98 3.64
CA PRO A 119 -13.89 3.58 3.73
C PRO A 119 -15.02 2.87 2.97
N GLN A 120 -14.70 2.08 1.94
CA GLN A 120 -15.73 1.56 0.99
C GLN A 120 -16.77 0.71 1.72
N PRO A 121 -16.39 -0.23 2.63
CA PRO A 121 -17.38 -1.00 3.38
C PRO A 121 -17.64 -0.53 4.83
N ALA A 122 -17.21 0.66 5.23
CA ALA A 122 -17.29 1.14 6.63
C ALA A 122 -18.76 1.13 7.11
N GLY A 123 -19.69 1.44 6.21
CA GLY A 123 -21.12 1.55 6.51
C GLY A 123 -21.79 0.21 6.83
N LEU A 124 -21.09 -0.91 6.62
CA LEU A 124 -21.62 -2.25 6.96
C LEU A 124 -21.88 -2.38 8.46
N VAL A 125 -21.27 -1.54 9.30
CA VAL A 125 -21.41 -1.61 10.78
C VAL A 125 -22.88 -1.39 11.16
N LYS A 126 -23.65 -0.69 10.33
CA LYS A 126 -25.11 -0.50 10.56
C LYS A 126 -25.78 -1.87 10.72
N TYR A 127 -25.33 -2.87 9.97
CA TYR A 127 -25.92 -4.23 9.95
C TYR A 127 -25.12 -5.20 10.82
N ARG A 128 -24.31 -4.71 11.75
CA ARG A 128 -23.52 -5.61 12.64
C ARG A 128 -24.48 -6.48 13.46
N LYS A 129 -24.07 -7.70 13.79
CA LYS A 129 -24.72 -8.58 14.78
C LYS A 129 -23.82 -8.63 16.02
N LYS A 130 -23.38 -9.80 16.47
CA LYS A 130 -22.48 -9.92 17.64
C LYS A 130 -21.03 -9.75 17.19
N GLY A 131 -20.11 -9.82 18.13
CA GLY A 131 -18.66 -9.88 17.85
C GLY A 131 -18.03 -8.51 17.89
N THR A 132 -16.73 -8.47 17.64
CA THR A 132 -15.87 -7.27 17.71
C THR A 132 -15.68 -6.73 16.29
N TRP A 133 -15.96 -5.46 16.08
CA TRP A 133 -15.83 -4.77 14.77
C TRP A 133 -14.62 -3.84 14.82
N ILE A 134 -13.67 -4.04 13.92
CA ILE A 134 -12.44 -3.20 13.86
C ILE A 134 -12.42 -2.52 12.51
N TRP A 135 -12.24 -1.20 12.48
CA TRP A 135 -12.05 -0.47 11.21
C TRP A 135 -10.55 -0.34 10.92
N ARG A 136 -10.09 -0.97 9.83
CA ARG A 136 -8.67 -0.92 9.40
C ARG A 136 -8.56 0.16 8.31
N CYS A 137 -8.07 1.32 8.72
CA CYS A 137 -7.81 2.49 7.83
C CYS A 137 -6.43 2.33 7.18
N HIS A 138 -6.37 2.31 5.85
CA HIS A 138 -5.09 2.15 5.09
C HIS A 138 -4.63 3.50 4.56
N ILE A 139 -5.41 4.55 4.78
CA ILE A 139 -5.13 5.87 4.13
C ILE A 139 -4.78 6.93 5.19
N ASP A 140 -4.33 8.06 4.70
CA ASP A 140 -4.03 9.27 5.51
C ASP A 140 -5.35 10.00 5.82
N ILE A 141 -5.77 9.95 7.09
CA ILE A 141 -6.98 10.68 7.58
C ILE A 141 -6.58 11.75 8.61
N SER A 142 -5.36 12.26 8.52
CA SER A 142 -4.84 13.30 9.46
C SER A 142 -5.57 14.64 9.23
N ASN A 143 -5.95 14.97 8.00
CA ASN A 143 -6.51 16.31 7.68
C ASN A 143 -7.62 16.16 6.64
N PRO A 144 -8.73 15.47 6.96
CA PRO A 144 -9.70 15.10 5.94
C PRO A 144 -10.75 16.17 5.63
N HIS A 145 -11.40 16.04 4.47
CA HIS A 145 -12.58 16.82 4.06
C HIS A 145 -13.62 16.67 5.17
N PRO A 146 -13.98 17.74 5.91
CA PRO A 146 -14.89 17.62 7.05
C PRO A 146 -16.27 17.02 6.73
N LYS A 147 -16.79 17.23 5.53
CA LYS A 147 -18.11 16.66 5.15
C LYS A 147 -17.96 15.14 5.01
N VAL A 148 -16.94 14.67 4.29
CA VAL A 148 -16.73 13.20 4.09
C VAL A 148 -16.41 12.59 5.46
N TRP A 149 -15.54 13.22 6.23
CA TRP A 149 -15.11 12.66 7.55
C TRP A 149 -16.30 12.67 8.52
N GLY A 150 -17.05 13.77 8.60
CA GLY A 150 -18.28 13.87 9.38
C GLY A 150 -19.20 12.68 9.11
N PHE A 151 -19.46 12.40 7.85
CA PHE A 151 -20.33 11.28 7.41
C PHE A 151 -19.75 9.93 7.85
N LEU A 152 -18.46 9.70 7.59
CA LEU A 152 -17.83 8.39 7.88
C LEU A 152 -17.65 8.19 9.38
N ARG A 153 -17.35 9.25 10.14
CA ARG A 153 -17.11 9.19 11.60
C ARG A 153 -18.36 8.63 12.29
N GLY A 154 -19.54 8.95 11.75
CA GLY A 154 -20.84 8.41 12.20
C GLY A 154 -20.82 6.90 12.22
N TYR A 155 -20.15 6.28 11.25
CA TYR A 155 -20.00 4.81 11.18
C TYR A 155 -18.83 4.38 12.09
N ILE A 156 -17.65 4.99 11.94
CA ILE A 156 -16.41 4.57 12.66
C ILE A 156 -16.65 4.59 14.17
N SER A 157 -17.39 5.57 14.67
CA SER A 157 -17.60 5.73 16.14
C SER A 157 -18.44 4.55 16.67
N LYS A 158 -19.04 3.72 15.81
CA LYS A 158 -19.79 2.50 16.21
C LYS A 158 -18.88 1.26 16.28
N TYR A 159 -17.63 1.36 15.82
CA TYR A 159 -16.66 0.22 15.85
C TYR A 159 -16.14 0.05 17.28
N ASP A 160 -15.61 -1.14 17.56
CA ASP A 160 -14.98 -1.48 18.86
C ASP A 160 -13.52 -1.03 18.86
N GLY A 161 -12.98 -0.75 17.69
CA GLY A 161 -11.60 -0.29 17.57
C GLY A 161 -11.24 0.04 16.14
N MET A 162 -10.06 0.61 15.98
CA MET A 162 -9.58 1.18 14.70
C MET A 162 -8.08 0.96 14.59
N ILE A 163 -7.63 0.51 13.44
CA ILE A 163 -6.18 0.38 13.12
C ILE A 163 -5.83 1.43 12.08
N VAL A 164 -4.78 2.21 12.32
CA VAL A 164 -4.18 3.14 11.34
C VAL A 164 -2.74 2.68 11.11
N SER A 165 -2.10 3.16 10.04
CA SER A 165 -0.78 2.66 9.64
C SER A 165 0.33 3.31 10.45
N ILE A 166 0.12 4.53 10.96
CA ILE A 166 1.10 5.26 11.81
C ILE A 166 0.34 6.03 12.89
N PRO A 167 0.97 6.24 14.07
CA PRO A 167 0.33 6.97 15.18
C PRO A 167 -0.21 8.34 14.79
N GLU A 168 0.43 8.99 13.82
CA GLU A 168 0.13 10.37 13.39
C GLU A 168 -1.29 10.43 12.79
N PHE A 169 -1.87 9.29 12.42
CA PHE A 169 -3.22 9.24 11.81
C PHE A 169 -4.31 9.08 12.87
N ALA A 170 -3.94 8.82 14.12
CA ALA A 170 -4.91 8.69 15.23
C ALA A 170 -5.73 9.97 15.32
N ARG A 171 -7.04 9.85 15.51
CA ARG A 171 -8.00 11.00 15.51
C ARG A 171 -8.31 11.42 16.95
N ASP A 172 -8.31 12.72 17.21
CA ASP A 172 -8.70 13.28 18.53
C ASP A 172 -10.22 13.42 18.60
N ASP A 173 -10.95 13.25 17.49
CA ASP A 173 -12.44 13.31 17.48
C ASP A 173 -13.06 11.91 17.55
N LEU A 174 -12.25 10.87 17.78
CA LEU A 174 -12.75 9.49 18.05
C LEU A 174 -12.25 9.07 19.42
N ASP A 175 -13.09 8.38 20.18
CA ASP A 175 -12.79 7.93 21.56
C ASP A 175 -12.52 6.42 21.57
N ILE A 176 -12.85 5.71 20.49
CA ILE A 176 -12.57 4.24 20.37
C ILE A 176 -11.06 4.05 20.33
N PRO A 177 -10.55 2.85 20.70
CA PRO A 177 -9.13 2.55 20.61
C PRO A 177 -8.60 2.72 19.17
N GLN A 178 -7.47 3.41 19.04
CA GLN A 178 -6.81 3.66 17.74
C GLN A 178 -5.40 3.10 17.82
N ILE A 179 -5.19 1.95 17.19
CA ILE A 179 -3.93 1.15 17.23
C ILE A 179 -3.17 1.42 15.94
N ALA A 180 -1.88 1.76 16.03
CA ALA A 180 -0.96 1.86 14.87
C ALA A 180 -0.37 0.48 14.56
N ILE A 181 -0.65 -0.04 13.38
CA ILE A 181 -0.04 -1.27 12.82
C ILE A 181 0.43 -0.94 11.41
N PRO A 182 1.76 -0.78 11.21
CA PRO A 182 2.30 -0.62 9.87
C PRO A 182 2.01 -1.85 9.04
N PRO A 183 1.62 -1.70 7.75
CA PRO A 183 1.62 -2.83 6.82
C PRO A 183 3.01 -3.45 6.65
N SER A 184 3.09 -4.53 5.88
CA SER A 184 4.33 -5.32 5.75
C SER A 184 4.35 -5.99 4.39
N ILE A 185 5.50 -6.56 4.05
CA ILE A 185 5.70 -7.35 2.81
C ILE A 185 5.94 -8.80 3.24
N ASP A 186 5.52 -9.70 2.38
CA ASP A 186 5.75 -11.15 2.54
C ASP A 186 6.95 -11.46 1.66
N PRO A 187 8.14 -11.72 2.25
CA PRO A 187 9.34 -11.96 1.46
C PRO A 187 9.23 -13.23 0.59
N LEU A 188 8.26 -14.10 0.88
CA LEU A 188 8.09 -15.39 0.16
C LEU A 188 7.05 -15.26 -0.96
N SER A 189 6.37 -14.11 -1.12
CA SER A 189 5.40 -13.94 -2.24
C SER A 189 6.15 -13.80 -3.56
N PRO A 190 5.49 -14.09 -4.71
CA PRO A 190 6.10 -13.86 -6.02
C PRO A 190 6.49 -12.38 -6.26
N LYS A 191 5.90 -11.45 -5.49
CA LYS A 191 6.24 -10.00 -5.58
C LYS A 191 7.67 -9.76 -5.04
N ASN A 192 8.11 -10.52 -4.04
CA ASN A 192 9.32 -10.19 -3.26
C ASN A 192 10.37 -11.30 -3.27
N MET A 193 10.03 -12.50 -3.74
CA MET A 193 10.98 -13.64 -3.71
C MET A 193 12.17 -13.37 -4.63
N PRO A 194 13.35 -13.98 -4.35
CA PRO A 194 14.51 -13.86 -5.23
C PRO A 194 14.13 -14.26 -6.67
N LEU A 195 14.68 -13.58 -7.65
CA LEU A 195 14.54 -13.95 -9.08
C LEU A 195 15.92 -14.22 -9.64
N PRO A 196 16.03 -15.19 -10.58
CA PRO A 196 17.28 -15.36 -11.32
C PRO A 196 17.49 -14.18 -12.27
N GLN A 197 18.74 -13.77 -12.47
CA GLN A 197 19.10 -12.61 -13.33
C GLN A 197 18.50 -12.79 -14.73
N THR A 198 18.42 -14.04 -15.22
CA THR A 198 17.87 -14.36 -16.57
C THR A 198 16.42 -13.88 -16.68
N THR A 199 15.63 -14.08 -15.64
CA THR A 199 14.22 -13.64 -15.60
C THR A 199 14.20 -12.10 -15.55
N VAL A 200 15.07 -11.46 -14.77
CA VAL A 200 15.07 -9.97 -14.64
C VAL A 200 15.35 -9.38 -16.03
N ASP A 201 16.46 -9.81 -16.67
CA ASP A 201 16.87 -9.39 -18.03
C ASP A 201 15.73 -9.56 -19.05
N ARG A 202 15.10 -10.74 -19.05
N ARG A 202 15.10 -10.74 -19.08
CA ARG A 202 14.05 -11.12 -20.04
CA ARG A 202 14.06 -11.06 -20.09
C ARG A 202 12.85 -10.17 -19.95
C ARG A 202 12.87 -10.11 -19.96
N ILE A 203 12.43 -9.83 -18.73
CA ILE A 203 11.21 -9.01 -18.47
C ILE A 203 11.51 -7.55 -18.84
N VAL A 204 12.67 -7.03 -18.44
CA VAL A 204 13.11 -5.64 -18.72
C VAL A 204 13.25 -5.47 -20.24
N ASP A 205 13.89 -6.44 -20.89
CA ASP A 205 14.07 -6.49 -22.37
C ASP A 205 12.69 -6.49 -23.06
N LYS A 206 11.73 -7.27 -22.55
CA LYS A 206 10.37 -7.43 -23.15
C LYS A 206 9.70 -6.06 -23.27
N PHE A 207 9.98 -5.14 -22.35
CA PHE A 207 9.31 -3.81 -22.25
C PHE A 207 10.15 -2.71 -22.88
N GLY A 208 11.21 -3.08 -23.61
CA GLY A 208 12.02 -2.16 -24.45
C GLY A 208 12.90 -1.25 -23.63
N VAL A 209 13.23 -1.63 -22.40
CA VAL A 209 14.02 -0.81 -21.45
C VAL A 209 15.48 -1.28 -21.53
N ASP A 210 16.41 -0.34 -21.57
CA ASP A 210 17.87 -0.61 -21.76
C ASP A 210 18.48 -0.99 -20.42
N ARG A 211 18.95 -2.24 -20.36
CA ARG A 211 19.44 -2.92 -19.15
C ARG A 211 20.86 -2.43 -18.83
N GLU A 212 21.52 -1.78 -19.80
CA GLU A 212 22.92 -1.29 -19.69
C GLU A 212 22.96 0.14 -19.16
N ARG A 213 21.80 0.81 -19.07
CA ARG A 213 21.73 2.22 -18.62
C ARG A 213 20.92 2.30 -17.32
N PRO A 214 21.17 3.34 -16.49
CA PRO A 214 20.44 3.50 -15.22
C PRO A 214 18.91 3.44 -15.42
N ILE A 215 18.23 2.81 -14.47
CA ILE A 215 16.74 2.78 -14.43
C ILE A 215 16.28 3.45 -13.14
N ILE A 216 15.47 4.49 -13.29
CA ILE A 216 14.69 5.13 -12.20
C ILE A 216 13.27 4.59 -12.33
N LEU A 217 12.76 3.97 -11.26
CA LEU A 217 11.47 3.25 -11.28
C LEU A 217 10.55 3.84 -10.23
N GLN A 218 9.31 4.16 -10.61
CA GLN A 218 8.19 4.25 -9.66
C GLN A 218 7.13 3.21 -10.03
N VAL A 219 6.78 2.35 -9.09
CA VAL A 219 5.65 1.39 -9.19
C VAL A 219 4.49 2.04 -8.46
N SER A 220 3.39 2.28 -9.15
CA SER A 220 2.21 2.97 -8.56
C SER A 220 1.09 3.00 -9.59
N ARG A 221 -0.16 3.04 -9.11
CA ARG A 221 -1.34 3.38 -9.94
C ARG A 221 -1.11 4.76 -10.59
N TYR A 222 -1.74 5.00 -11.73
CA TYR A 222 -1.89 6.33 -12.36
C TYR A 222 -2.97 7.10 -11.57
N ASP A 223 -2.55 7.64 -10.43
CA ASP A 223 -3.41 8.28 -9.40
C ASP A 223 -2.72 9.58 -8.97
N ARG A 224 -3.50 10.66 -8.81
CA ARG A 224 -2.96 12.03 -8.54
C ARG A 224 -2.11 11.99 -7.27
N ALA A 225 -2.51 11.23 -6.25
CA ALA A 225 -1.79 11.13 -4.96
C ALA A 225 -0.38 10.54 -5.17
N LYS A 226 -0.18 9.77 -6.23
CA LYS A 226 1.14 9.14 -6.55
C LYS A 226 1.99 10.12 -7.39
N ASP A 227 1.35 11.14 -7.95
CA ASP A 227 1.99 12.27 -8.69
C ASP A 227 2.85 11.78 -9.85
N PRO A 228 2.29 11.03 -10.82
CA PRO A 228 3.08 10.59 -11.97
C PRO A 228 3.65 11.79 -12.75
N VAL A 229 2.92 12.91 -12.84
CA VAL A 229 3.39 14.15 -13.53
C VAL A 229 4.63 14.68 -12.80
N GLY A 230 4.59 14.83 -11.48
CA GLY A 230 5.74 15.28 -10.66
C GLY A 230 6.95 14.37 -10.78
N VAL A 231 6.72 13.05 -10.93
CA VAL A 231 7.81 12.06 -11.19
C VAL A 231 8.45 12.36 -12.55
N ILE A 232 7.65 12.61 -13.59
CA ILE A 232 8.20 12.99 -14.93
C ILE A 232 9.04 14.26 -14.77
N GLU A 233 8.55 15.26 -14.03
CA GLU A 233 9.25 16.56 -13.84
C GLU A 233 10.57 16.33 -13.09
N SER A 234 10.56 15.48 -12.06
CA SER A 234 11.78 15.09 -11.30
C SER A 234 12.81 14.54 -12.28
N PHE A 235 12.38 13.63 -13.16
CA PHE A 235 13.24 12.90 -14.11
C PHE A 235 13.85 13.90 -15.08
N ARG A 236 13.02 14.78 -15.65
CA ARG A 236 13.50 15.78 -16.65
C ARG A 236 14.61 16.63 -16.05
N LEU A 237 14.43 17.17 -14.86
CA LEU A 237 15.48 17.96 -14.17
C LEU A 237 16.75 17.11 -14.01
N ALA A 238 16.65 15.84 -13.60
CA ALA A 238 17.82 14.99 -13.25
C ALA A 238 18.59 14.58 -14.51
N LYS A 239 17.90 14.41 -15.64
CA LYS A 239 18.48 13.89 -16.91
C LYS A 239 19.51 14.89 -17.45
N ARG A 240 19.41 16.16 -17.06
CA ARG A 240 20.40 17.22 -17.40
C ARG A 240 21.80 16.81 -16.91
N HIS A 241 21.90 16.09 -15.78
CA HIS A 241 23.19 15.70 -15.14
C HIS A 241 23.44 14.19 -15.26
N VAL A 242 22.43 13.40 -15.64
CA VAL A 242 22.59 11.94 -15.92
C VAL A 242 21.84 11.63 -17.20
N PRO A 243 22.36 12.08 -18.36
CA PRO A 243 21.62 12.02 -19.62
C PRO A 243 21.36 10.59 -20.13
N ASP A 244 22.07 9.60 -19.59
CA ASP A 244 21.88 8.17 -19.96
C ASP A 244 20.71 7.56 -19.17
N ALA A 245 20.13 8.26 -18.18
CA ALA A 245 19.11 7.70 -17.26
C ALA A 245 17.78 7.46 -17.99
N GLN A 246 17.04 6.45 -17.53
CA GLN A 246 15.70 6.07 -18.05
C GLN A 246 14.68 6.12 -16.91
N LEU A 247 13.44 6.53 -17.21
CA LEU A 247 12.33 6.46 -16.24
C LEU A 247 11.34 5.34 -16.65
N VAL A 248 11.05 4.45 -15.70
CA VAL A 248 9.94 3.45 -15.82
C VAL A 248 8.89 3.79 -14.76
N TYR A 249 7.69 4.15 -15.21
CA TYR A 249 6.48 4.23 -14.37
C TYR A 249 5.67 2.97 -14.66
N LEU A 250 5.53 2.10 -13.65
CA LEU A 250 4.85 0.78 -13.75
C LEU A 250 3.52 0.85 -12.98
N GLY A 251 2.41 0.95 -13.71
CA GLY A 251 1.04 1.03 -13.18
C GLY A 251 0.19 -0.17 -13.58
N SER A 252 -0.97 -0.32 -12.93
CA SER A 252 -1.90 -1.47 -13.05
C SER A 252 -3.27 -1.10 -12.49
N PRO A 253 -4.39 -1.60 -13.08
CA PRO A 253 -5.73 -1.25 -12.58
C PRO A 253 -6.08 -1.95 -11.25
N ALA A 254 -6.88 -1.27 -10.42
CA ALA A 254 -7.64 -1.84 -9.28
C ALA A 254 -9.13 -1.78 -9.61
N THR A 255 -9.91 -2.74 -9.09
CA THR A 255 -11.40 -2.83 -9.23
C THR A 255 -12.09 -1.55 -8.73
N ASP A 256 -11.56 -0.94 -7.67
CA ASP A 256 -12.21 0.14 -6.89
C ASP A 256 -11.67 1.53 -7.26
N ASP A 257 -10.86 1.64 -8.33
CA ASP A 257 -10.31 2.92 -8.83
C ASP A 257 -10.76 3.16 -10.27
N PRO A 258 -11.88 3.92 -10.51
CA PRO A 258 -12.39 4.13 -11.87
C PRO A 258 -11.77 5.31 -12.64
N GLU A 259 -10.74 5.97 -12.10
CA GLU A 259 -10.07 7.15 -12.74
C GLU A 259 -8.59 6.85 -13.01
N GLY A 260 -8.15 5.61 -12.77
CA GLY A 260 -6.79 5.12 -13.11
C GLY A 260 -6.47 5.35 -14.59
N GLU A 261 -7.48 5.24 -15.45
CA GLU A 261 -7.34 5.37 -16.94
C GLU A 261 -7.23 6.86 -17.32
N VAL A 262 -7.91 7.76 -16.60
CA VAL A 262 -7.92 9.21 -16.93
C VAL A 262 -6.50 9.79 -16.75
N VAL A 263 -5.85 9.55 -15.60
CA VAL A 263 -4.60 10.27 -15.18
C VAL A 263 -3.46 9.91 -16.14
N TYR A 264 -3.50 8.70 -16.72
CA TYR A 264 -2.56 8.23 -17.78
C TYR A 264 -2.34 9.35 -18.81
N ARG A 265 -3.42 9.93 -19.33
CA ARG A 265 -3.38 10.83 -20.51
C ARG A 265 -2.63 12.13 -20.18
N GLU A 266 -2.73 12.65 -18.95
CA GLU A 266 -1.94 13.86 -18.56
C GLU A 266 -0.52 13.44 -18.20
N THR A 267 -0.28 12.14 -17.97
CA THR A 267 1.09 11.56 -17.80
C THR A 267 1.73 11.43 -19.18
N VAL A 268 1.00 10.86 -20.14
CA VAL A 268 1.45 10.69 -21.57
C VAL A 268 1.80 12.07 -22.13
N GLU A 269 0.91 13.06 -21.96
CA GLU A 269 1.11 14.47 -22.40
C GLU A 269 2.43 14.99 -21.82
N ALA A 270 2.56 14.94 -20.49
CA ALA A 270 3.74 15.46 -19.73
C ALA A 270 5.01 14.70 -20.15
N ALA A 271 4.89 13.52 -20.77
CA ALA A 271 6.01 12.63 -21.16
C ALA A 271 6.48 12.91 -22.60
N ARG A 272 5.54 13.19 -23.51
CA ARG A 272 5.81 13.49 -24.96
C ARG A 272 6.99 14.47 -25.08
N GLY A 273 7.99 14.11 -25.89
CA GLY A 273 9.26 14.86 -26.02
C GLY A 273 10.45 14.03 -25.57
N GLU A 274 10.29 13.28 -24.48
CA GLU A 274 11.32 12.39 -23.87
C GLU A 274 11.08 10.95 -24.34
N LYS A 275 12.13 10.24 -24.81
CA LYS A 275 12.02 8.86 -25.36
C LYS A 275 12.55 7.81 -24.37
N ASP A 276 13.26 8.22 -23.31
CA ASP A 276 13.70 7.30 -22.23
C ASP A 276 12.67 7.31 -21.08
N VAL A 277 11.45 7.80 -21.34
CA VAL A 277 10.30 7.67 -20.40
C VAL A 277 9.45 6.48 -20.86
N HIS A 278 9.23 5.49 -19.99
CA HIS A 278 8.45 4.26 -20.26
C HIS A 278 7.26 4.19 -19.30
N LEU A 279 6.07 4.50 -19.81
CA LEU A 279 4.80 4.49 -19.05
C LEU A 279 4.12 3.14 -19.27
N LEU A 280 4.31 2.21 -18.35
CA LEU A 280 3.81 0.82 -18.47
C LEU A 280 2.49 0.73 -17.70
N MET A 281 1.51 0.02 -18.26
CA MET A 281 0.25 -0.38 -17.57
C MET A 281 0.17 -1.90 -17.66
N LEU A 282 0.30 -2.62 -16.53
CA LEU A 282 0.35 -4.10 -16.52
C LEU A 282 -0.96 -4.64 -15.94
N PRO A 283 -1.40 -5.83 -16.39
CA PRO A 283 -2.58 -6.48 -15.82
C PRO A 283 -2.45 -6.72 -14.32
N PRO A 284 -3.59 -6.93 -13.61
CA PRO A 284 -3.54 -7.25 -12.18
C PRO A 284 -2.74 -8.54 -11.92
N ASN A 285 -2.05 -8.57 -10.78
CA ASN A 285 -1.31 -9.76 -10.30
C ASN A 285 -0.12 -10.02 -11.23
N SER A 286 0.48 -8.98 -11.81
CA SER A 286 1.75 -9.08 -12.59
C SER A 286 2.93 -9.06 -11.60
N HIS A 287 2.91 -9.99 -10.65
CA HIS A 287 3.78 -9.98 -9.44
C HIS A 287 5.24 -10.05 -9.87
N VAL A 288 5.55 -10.95 -10.80
CA VAL A 288 6.94 -11.27 -11.20
C VAL A 288 7.48 -10.11 -12.03
N GLU A 289 6.62 -9.46 -12.80
CA GLU A 289 7.02 -8.30 -13.64
C GLU A 289 7.42 -7.14 -12.72
N VAL A 290 6.64 -6.87 -11.67
CA VAL A 290 6.96 -5.78 -10.70
C VAL A 290 8.27 -6.15 -10.00
N ASN A 291 8.37 -7.39 -9.52
CA ASN A 291 9.58 -7.94 -8.84
C ASN A 291 10.80 -7.64 -9.71
N ALA A 292 10.76 -8.07 -10.97
CA ALA A 292 11.87 -7.95 -11.96
C ALA A 292 12.28 -6.47 -12.10
N PHE A 293 11.33 -5.58 -12.34
CA PHE A 293 11.63 -4.13 -12.52
C PHE A 293 12.26 -3.55 -11.25
N GLN A 294 11.73 -3.92 -10.08
CA GLN A 294 12.30 -3.45 -8.78
C GLN A 294 13.76 -3.93 -8.65
N ARG A 295 14.07 -5.13 -9.14
CA ARG A 295 15.44 -5.71 -9.09
C ARG A 295 16.32 -5.06 -10.15
N ALA A 296 15.76 -4.62 -11.28
CA ALA A 296 16.49 -3.95 -12.38
C ALA A 296 16.81 -2.49 -12.02
N ALA A 297 16.01 -1.86 -11.17
CA ALA A 297 16.09 -0.40 -10.91
C ALA A 297 17.45 -0.03 -10.29
N THR A 298 17.99 1.13 -10.67
CA THR A 298 19.18 1.74 -9.99
C THR A 298 18.69 2.45 -8.73
N VAL A 299 17.63 3.25 -8.89
CA VAL A 299 16.97 3.99 -7.79
C VAL A 299 15.47 3.80 -7.94
N VAL A 300 14.77 3.69 -6.82
CA VAL A 300 13.28 3.65 -6.86
C VAL A 300 12.75 4.93 -6.27
N MET A 301 11.67 5.44 -6.87
CA MET A 301 10.92 6.59 -6.33
C MET A 301 9.54 6.13 -5.86
N GLN A 302 9.06 6.75 -4.78
CA GLN A 302 7.62 6.75 -4.41
C GLN A 302 7.28 8.16 -3.97
N LYS A 303 7.14 9.06 -4.94
CA LYS A 303 7.11 10.52 -4.65
C LYS A 303 5.65 10.94 -4.45
N SER A 304 4.96 10.28 -3.51
CA SER A 304 3.52 10.46 -3.28
C SER A 304 3.29 11.85 -2.69
N ILE A 305 2.17 12.47 -3.03
CA ILE A 305 1.62 13.70 -2.35
C ILE A 305 0.97 13.28 -1.04
N LYS A 306 0.19 12.21 -1.05
CA LYS A 306 -0.38 11.61 0.18
C LYS A 306 -0.15 10.10 0.11
N GLU A 307 0.12 9.47 1.26
CA GLU A 307 0.36 8.00 1.31
C GLU A 307 0.10 7.46 2.71
N GLY A 308 -0.83 6.50 2.83
CA GLY A 308 -1.04 5.76 4.09
C GLY A 308 0.26 5.08 4.53
N PHE A 309 0.88 4.33 3.64
CA PHE A 309 2.14 3.62 3.97
C PHE A 309 3.00 3.54 2.72
N GLY A 310 2.50 2.86 1.70
CA GLY A 310 3.23 2.68 0.44
C GLY A 310 4.07 1.42 0.46
N LEU A 311 3.42 0.28 0.20
CA LEU A 311 4.06 -1.06 0.21
C LEU A 311 5.24 -1.09 -0.76
N THR A 312 5.15 -0.34 -1.85
CA THR A 312 6.19 -0.27 -2.91
C THR A 312 7.52 0.23 -2.34
N VAL A 313 7.49 1.00 -1.25
CA VAL A 313 8.75 1.50 -0.61
C VAL A 313 9.45 0.28 0.01
N SER A 314 8.77 -0.46 0.89
CA SER A 314 9.35 -1.68 1.54
C SER A 314 9.72 -2.72 0.47
N GLU A 315 8.93 -2.86 -0.59
CA GLU A 315 9.23 -3.84 -1.68
C GLU A 315 10.60 -3.53 -2.28
N ALA A 316 10.89 -2.25 -2.51
CA ALA A 316 12.15 -1.77 -3.10
C ALA A 316 13.28 -1.89 -2.08
N LEU A 317 13.06 -1.44 -0.84
CA LEU A 317 14.11 -1.48 0.23
C LEU A 317 14.54 -2.93 0.44
N TRP A 318 13.58 -3.85 0.46
CA TRP A 318 13.86 -5.30 0.65
C TRP A 318 14.78 -5.82 -0.46
N LYS A 319 14.62 -5.31 -1.67
CA LYS A 319 15.46 -5.70 -2.84
C LYS A 319 16.71 -4.82 -2.90
N ARG A 320 17.05 -4.17 -1.78
CA ARG A 320 18.31 -3.40 -1.58
C ARG A 320 18.39 -2.23 -2.56
N LYS A 321 17.27 -1.57 -2.84
CA LYS A 321 17.26 -0.33 -3.65
C LYS A 321 17.00 0.85 -2.73
N PRO A 322 17.76 1.95 -2.83
CA PRO A 322 17.43 3.16 -2.07
C PRO A 322 16.16 3.77 -2.65
N VAL A 323 15.36 4.42 -1.80
CA VAL A 323 14.07 5.05 -2.20
C VAL A 323 14.14 6.56 -1.96
N ILE A 324 13.78 7.31 -3.00
CA ILE A 324 13.38 8.74 -2.90
C ILE A 324 11.86 8.79 -2.71
N GLY A 325 11.42 9.12 -1.49
CA GLY A 325 10.00 9.08 -1.11
C GLY A 325 9.44 10.45 -0.80
N GLY A 326 8.17 10.69 -1.17
CA GLY A 326 7.43 11.90 -0.77
C GLY A 326 7.48 12.03 0.74
N ASN A 327 7.68 13.24 1.25
CA ASN A 327 7.82 13.49 2.71
C ASN A 327 6.42 13.55 3.33
N THR A 328 5.74 12.40 3.42
CA THR A 328 4.31 12.35 3.80
C THR A 328 3.96 10.98 4.39
N GLY A 329 3.03 10.98 5.36
CA GLY A 329 2.37 9.78 5.87
C GLY A 329 3.34 8.66 6.20
N GLY A 330 3.00 7.43 5.83
CA GLY A 330 3.76 6.22 6.22
C GLY A 330 5.06 6.06 5.46
N ILE A 331 5.31 6.88 4.42
CA ILE A 331 6.62 6.82 3.70
C ILE A 331 7.73 7.17 4.70
N ARG A 332 7.43 8.07 5.65
CA ARG A 332 8.41 8.65 6.61
C ARG A 332 8.90 7.60 7.62
N ILE A 333 8.17 6.51 7.88
CA ILE A 333 8.68 5.46 8.81
C ILE A 333 9.49 4.41 8.03
N GLN A 334 9.40 4.39 6.70
CA GLN A 334 10.14 3.41 5.85
C GLN A 334 11.42 4.05 5.31
N VAL A 335 11.34 5.29 4.85
CA VAL A 335 12.50 6.05 4.33
C VAL A 335 13.10 6.84 5.50
N ILE A 336 14.14 6.29 6.11
CA ILE A 336 14.99 6.99 7.14
C ILE A 336 15.96 7.87 6.34
N ASN A 337 15.68 9.17 6.33
CA ASN A 337 16.43 10.23 5.58
C ASN A 337 17.94 10.03 5.80
N GLY A 338 18.69 9.80 4.71
CA GLY A 338 20.15 9.61 4.74
C GLY A 338 20.58 8.22 5.14
N VAL A 339 19.64 7.28 5.34
CA VAL A 339 19.98 5.90 5.79
C VAL A 339 19.43 4.86 4.80
N THR A 340 18.12 4.93 4.49
CA THR A 340 17.44 4.00 3.53
C THR A 340 17.01 4.75 2.26
N GLY A 341 17.13 6.07 2.24
CA GLY A 341 16.99 6.91 1.03
C GLY A 341 16.78 8.36 1.43
N PHE A 342 15.95 9.09 0.70
CA PHE A 342 15.68 10.52 0.97
C PHE A 342 14.18 10.81 0.89
N LEU A 343 13.72 11.66 1.82
CA LEU A 343 12.36 12.26 1.85
C LEU A 343 12.41 13.64 1.17
N VAL A 344 11.49 13.90 0.24
CA VAL A 344 11.51 15.12 -0.62
C VAL A 344 10.11 15.73 -0.66
N ASP A 345 10.06 17.06 -0.84
CA ASP A 345 8.83 17.89 -0.79
C ASP A 345 8.47 18.44 -2.17
N SER A 346 9.36 18.29 -3.15
CA SER A 346 9.16 18.84 -4.52
C SER A 346 9.89 17.95 -5.53
N PRO A 347 9.52 18.04 -6.82
CA PRO A 347 10.30 17.43 -7.88
C PRO A 347 11.76 17.92 -7.94
N LYS A 348 11.99 19.18 -7.55
CA LYS A 348 13.34 19.78 -7.54
C LYS A 348 14.20 19.01 -6.53
N ALA A 349 13.70 18.79 -5.32
CA ALA A 349 14.43 18.02 -4.28
C ALA A 349 14.57 16.55 -4.72
N ALA A 350 13.54 15.97 -5.35
CA ALA A 350 13.59 14.60 -5.92
C ALA A 350 14.76 14.51 -6.91
N ALA A 351 14.84 15.45 -7.86
CA ALA A 351 15.89 15.50 -8.90
C ALA A 351 17.26 15.62 -8.23
N TYR A 352 17.40 16.50 -7.24
CA TYR A 352 18.66 16.69 -6.48
C TYR A 352 19.17 15.33 -5.98
N TYR A 353 18.29 14.53 -5.37
CA TYR A 353 18.68 13.26 -4.70
C TYR A 353 18.82 12.12 -5.73
N LEU A 354 18.07 12.19 -6.83
CA LEU A 354 18.24 11.25 -7.96
C LEU A 354 19.66 11.37 -8.51
N VAL A 355 20.10 12.60 -8.77
CA VAL A 355 21.45 12.82 -9.37
C VAL A 355 22.48 12.32 -8.35
N TYR A 356 22.30 12.69 -7.09
CA TYR A 356 23.22 12.29 -6.00
C TYR A 356 23.37 10.76 -5.99
N LEU A 357 22.26 10.02 -6.00
CA LEU A 357 22.28 8.54 -5.87
C LEU A 357 22.84 7.91 -7.15
N LEU A 358 22.50 8.43 -8.32
CA LEU A 358 23.00 7.89 -9.61
C LEU A 358 24.52 8.11 -9.74
N LYS A 359 25.08 9.12 -9.06
CA LYS A 359 26.53 9.47 -9.16
C LYS A 359 27.33 8.80 -8.04
N ASN A 360 26.67 8.10 -7.12
CA ASN A 360 27.29 7.56 -5.87
C ASN A 360 26.93 6.09 -5.72
N LYS A 361 27.57 5.21 -6.50
CA LYS A 361 27.25 3.75 -6.51
C LYS A 361 27.42 3.14 -5.11
N LYS A 362 28.50 3.45 -4.37
CA LYS A 362 28.76 2.81 -3.06
C LYS A 362 27.68 3.23 -2.05
N VAL A 363 27.26 4.49 -2.06
CA VAL A 363 26.17 5.01 -1.19
C VAL A 363 24.88 4.25 -1.51
N ARG A 364 24.51 4.13 -2.78
CA ARG A 364 23.31 3.37 -3.23
C ARG A 364 23.32 1.98 -2.59
N GLU A 365 24.43 1.26 -2.75
CA GLU A 365 24.58 -0.13 -2.24
C GLU A 365 24.41 -0.13 -0.72
N GLU A 366 25.03 0.80 0.00
CA GLU A 366 24.97 0.81 1.49
C GLU A 366 23.54 1.17 1.93
N MET A 367 22.93 2.15 1.29
CA MET A 367 21.52 2.53 1.61
C MET A 367 20.59 1.36 1.30
N GLY A 368 20.80 0.67 0.19
CA GLY A 368 20.11 -0.59 -0.16
C GLY A 368 20.15 -1.61 0.97
N GLU A 369 21.33 -1.90 1.52
CA GLU A 369 21.51 -2.87 2.63
C GLU A 369 20.77 -2.38 3.88
N ALA A 370 20.94 -1.11 4.24
CA ALA A 370 20.27 -0.48 5.40
C ALA A 370 18.75 -0.59 5.21
N GLY A 371 18.24 -0.38 3.98
CA GLY A 371 16.82 -0.56 3.63
C GLY A 371 16.34 -1.97 3.91
N ARG A 372 17.07 -2.98 3.43
CA ARG A 372 16.68 -4.40 3.64
C ARG A 372 16.68 -4.69 5.15
N ASP A 373 17.69 -4.20 5.88
CA ASP A 373 17.79 -4.42 7.34
C ASP A 373 16.60 -3.75 8.03
N HIS A 374 16.19 -2.56 7.57
CA HIS A 374 15.10 -1.77 8.19
C HIS A 374 13.77 -2.50 7.96
N VAL A 375 13.57 -3.03 6.76
CA VAL A 375 12.37 -3.86 6.41
C VAL A 375 12.38 -5.15 7.26
N ARG A 376 13.52 -5.83 7.32
CA ARG A 376 13.66 -7.08 8.11
C ARG A 376 13.18 -6.82 9.54
N ARG A 377 13.64 -5.74 10.16
CA ARG A 377 13.32 -5.43 11.58
C ARG A 377 11.85 -5.01 11.74
N ASN A 378 11.21 -4.41 10.73
CA ASN A 378 9.98 -3.61 10.96
C ASN A 378 8.81 -3.96 10.06
N PHE A 379 9.03 -4.41 8.81
CA PHE A 379 7.92 -4.44 7.81
C PHE A 379 7.86 -5.78 7.08
N LEU A 380 8.15 -6.87 7.77
CA LEU A 380 7.88 -8.24 7.26
C LEU A 380 6.54 -8.70 7.82
N ILE A 381 5.87 -9.57 7.06
CA ILE A 381 4.50 -10.07 7.33
C ILE A 381 4.41 -10.70 8.73
N THR A 382 5.49 -11.30 9.25
CA THR A 382 5.49 -11.92 10.60
C THR A 382 5.23 -10.85 11.66
N GLN A 383 5.80 -9.67 11.48
CA GLN A 383 5.62 -8.54 12.44
C GLN A 383 4.14 -8.07 12.37
N GLN A 384 3.63 -7.84 11.16
CA GLN A 384 2.23 -7.38 10.97
C GLN A 384 1.29 -8.44 11.55
N LEU A 385 1.55 -9.72 11.27
CA LEU A 385 0.69 -10.85 11.75
C LEU A 385 0.64 -10.85 13.29
N ARG A 386 1.80 -10.71 13.93
CA ARG A 386 1.88 -10.74 15.42
C ARG A 386 1.09 -9.56 16.01
N ARG A 387 1.18 -8.37 15.41
CA ARG A 387 0.43 -7.18 15.90
C ARG A 387 -1.09 -7.37 15.69
N TYR A 388 -1.49 -8.04 14.61
CA TYR A 388 -2.92 -8.35 14.32
C TYR A 388 -3.46 -9.25 15.42
N LEU A 389 -2.71 -10.29 15.76
CA LEU A 389 -3.12 -11.27 16.79
C LEU A 389 -3.22 -10.55 18.14
N MET A 390 -2.23 -9.70 18.45
CA MET A 390 -2.19 -8.88 19.69
C MET A 390 -3.41 -7.98 19.76
N ALA A 391 -3.70 -7.26 18.67
CA ALA A 391 -4.89 -6.37 18.53
C ALA A 391 -6.17 -7.19 18.78
N ILE A 392 -6.31 -8.35 18.17
CA ILE A 392 -7.53 -9.20 18.33
C ILE A 392 -7.69 -9.58 19.82
N LEU A 393 -6.61 -10.02 20.45
CA LEU A 393 -6.61 -10.54 21.85
C LEU A 393 -6.98 -9.41 22.79
N TYR A 394 -6.35 -8.25 22.62
CA TYR A 394 -6.69 -7.00 23.33
C TYR A 394 -8.19 -6.71 23.15
N LEU A 395 -8.64 -6.55 21.90
CA LEU A 395 -9.96 -5.92 21.61
C LEU A 395 -11.10 -6.90 21.90
N THR A 396 -10.83 -8.21 21.91
CA THR A 396 -11.81 -9.25 22.34
C THR A 396 -11.60 -9.58 23.83
N LYS A 397 -10.61 -8.94 24.47
CA LYS A 397 -10.20 -9.19 25.88
C LYS A 397 -9.78 -10.66 26.01
N1 UPG B . 1.25 -2.83 -7.70
C2 UPG B . 1.32 -3.77 -8.71
N3 UPG B . 1.29 -3.25 -9.98
C4 UPG B . 1.20 -1.92 -10.33
C5 UPG B . 1.12 -1.01 -9.23
C6 UPG B . 1.16 -1.48 -7.97
O2 UPG B . 1.40 -4.98 -8.51
O4 UPG B . 1.20 -1.63 -11.52
C1C UPG B . 1.29 -3.32 -6.31
C2C UPG B . 2.53 -2.84 -5.56
O2C UPG B . 3.62 -3.68 -5.87
C3C UPG B . 2.02 -2.97 -4.12
C4C UPG B . 0.57 -2.47 -4.28
O4C UPG B . 0.18 -2.80 -5.64
O3C UPG B . 2.08 -4.31 -3.65
C5C UPG B . 0.37 -0.99 -4.10
O5C UPG B . 0.26 -0.75 -2.70
PA UPG B . 0.55 0.70 -2.14
O1A UPG B . 0.64 0.62 -0.66
O2A UPG B . 1.73 1.23 -2.88
O3A UPG B . -0.74 1.52 -2.60
PB UPG B . -2.35 1.55 -2.51
O1B UPG B . -2.92 0.64 -3.53
O2B UPG B . -2.66 3.02 -2.61
O3B UPG B . -2.64 0.99 -1.04
C1' UPG B . -3.39 1.43 0.09
C2' UPG B . -2.86 2.75 0.65
C3' UPG B . -1.33 2.59 0.77
C4' UPG B . -1.01 1.42 1.67
C5' UPG B . -1.82 0.16 1.33
C6' UPG B . -1.75 -0.90 2.41
O2' UPG B . -3.28 3.84 -0.16
O3' UPG B . -0.70 3.78 1.26
O4' UPG B . 0.37 1.06 1.54
O5' UPG B . -3.23 0.47 1.11
O6' UPG B . -2.12 -0.37 3.67
C1 PEG C . 13.81 -24.13 18.16
O1 PEG C . 15.17 -23.78 18.01
C2 PEG C . 12.88 -23.21 17.42
O2 PEG C . 11.68 -23.90 17.12
C3 PEG C . 10.58 -23.03 16.83
C4 PEG C . 9.42 -23.84 16.33
O4 PEG C . 8.55 -23.10 15.47
#